data_9BGZ
#
_entry.id   9BGZ
#
_cell.length_a   1.00
_cell.length_b   1.00
_cell.length_c   1.00
_cell.angle_alpha   90.00
_cell.angle_beta   90.00
_cell.angle_gamma   90.00
#
_symmetry.space_group_name_H-M   'P 1'
#
_entity_poly.entity_id   1
_entity_poly.type   'polypeptide(L)'
_entity_poly.pdbx_seq_one_letter_code
;MSLYHKILIGFVLGVIVGLIFGDKAEFIKPLGDIFLRLLKMIVVPLVFSTIVTGIASMGDVKKLGRIGAKTLIYYMITTT
LAVTIGLILANIFKPGKGLSLGEIHEVAHPNAPSFTETLLNMIPTNPFEAMAEGNMLQIIVFAIFFGIALALMGEKAEPV
KKFFDSASEVMFKITDIVMKFAPYGVFALMAWTVGKYGLDVLAPLGKLILTVYLGCIIHILIVYTLLLRFLCKINPLRFF
KKIKEAMLVAFSTCSSAATLPVTMRVAEELGVPESIASFTLPLGATINMDGTALYQGVAAIFVAQAYGVELTLGQQLTIV
LTAVLASIGTAGVPGAGLVMLTMVLTSVGLPLEGIALIAGIDRILDMARTTVNVTGDLVATAIVARTENELNREMTATPL
EVLESKTIAL
;
_entity_poly.pdbx_strand_id   A
#
# COMPACT_ATOMS: atom_id res chain seq x y z
N MET A 1 -27.38 6.29 -8.35
CA MET A 1 -25.96 6.02 -8.71
C MET A 1 -25.04 6.26 -7.52
N SER A 2 -23.79 5.82 -7.64
CA SER A 2 -22.82 5.98 -6.57
C SER A 2 -21.44 6.12 -7.18
N LEU A 3 -20.51 6.65 -6.38
CA LEU A 3 -19.15 6.83 -6.87
C LEU A 3 -18.51 5.49 -7.21
N TYR A 4 -18.70 4.48 -6.35
CA TYR A 4 -18.08 3.18 -6.59
C TYR A 4 -18.58 2.58 -7.89
N HIS A 5 -19.89 2.61 -8.12
CA HIS A 5 -20.44 2.02 -9.33
C HIS A 5 -19.90 2.72 -10.57
N LYS A 6 -19.78 4.05 -10.51
CA LYS A 6 -19.17 4.78 -11.62
C LYS A 6 -17.74 4.35 -11.82
N ILE A 7 -16.98 4.20 -10.72
CA ILE A 7 -15.60 3.75 -10.84
C ILE A 7 -15.55 2.34 -11.40
N LEU A 8 -16.45 1.47 -10.94
CA LEU A 8 -16.49 0.11 -11.43
C LEU A 8 -16.83 0.07 -12.91
N ILE A 9 -17.81 0.88 -13.33
CA ILE A 9 -18.18 0.95 -14.74
C ILE A 9 -17.00 1.42 -15.56
N GLY A 10 -16.30 2.46 -15.09
CA GLY A 10 -15.13 2.94 -15.79
C GLY A 10 -14.04 1.89 -15.90
N PHE A 11 -13.81 1.16 -14.81
CA PHE A 11 -12.82 0.09 -14.82
C PHE A 11 -13.17 -0.96 -15.87
N VAL A 12 -14.41 -1.42 -15.89
CA VAL A 12 -14.81 -2.47 -16.81
C VAL A 12 -14.71 -1.97 -18.25
N LEU A 13 -15.19 -0.75 -18.50
CA LEU A 13 -15.13 -0.20 -19.85
C LEU A 13 -13.69 -0.01 -20.29
N GLY A 14 -12.82 0.41 -19.38
CA GLY A 14 -11.42 0.56 -19.73
C GLY A 14 -10.78 -0.77 -20.07
N VAL A 15 -11.09 -1.81 -19.31
CA VAL A 15 -10.57 -3.14 -19.64
C VAL A 15 -11.06 -3.58 -21.01
N ILE A 16 -12.35 -3.38 -21.28
CA ILE A 16 -12.90 -3.79 -22.56
C ILE A 16 -12.24 -3.04 -23.71
N VAL A 17 -12.08 -1.73 -23.55
CA VAL A 17 -11.46 -0.92 -24.60
C VAL A 17 -10.01 -1.35 -24.81
N GLY A 18 -9.27 -1.56 -23.72
CA GLY A 18 -7.91 -2.03 -23.85
C GLY A 18 -7.80 -3.35 -24.57
N LEU A 19 -8.76 -4.25 -24.33
CA LEU A 19 -8.77 -5.51 -25.06
C LEU A 19 -9.05 -5.28 -26.54
N ILE A 20 -10.10 -4.53 -26.85
CA ILE A 20 -10.54 -4.42 -28.24
C ILE A 20 -9.61 -3.49 -29.01
N PHE A 21 -9.30 -2.32 -28.46
CA PHE A 21 -8.35 -1.42 -29.09
C PHE A 21 -6.92 -1.93 -28.99
N GLY A 22 -6.58 -2.60 -27.90
CA GLY A 22 -5.24 -3.17 -27.77
C GLY A 22 -4.19 -2.08 -27.67
N ASP A 23 -3.14 -2.23 -28.48
CA ASP A 23 -1.98 -1.35 -28.39
C ASP A 23 -2.34 0.10 -28.64
N LYS A 24 -3.39 0.38 -29.40
CA LYS A 24 -3.78 1.74 -29.72
C LYS A 24 -4.39 2.47 -28.53
N ALA A 25 -4.50 1.84 -27.37
CA ALA A 25 -5.09 2.46 -26.20
C ALA A 25 -4.14 3.42 -25.48
N GLU A 26 -2.85 3.45 -25.87
CA GLU A 26 -1.93 4.40 -25.28
C GLU A 26 -2.35 5.84 -25.55
N PHE A 27 -3.19 6.07 -26.57
CA PHE A 27 -3.68 7.41 -26.86
C PHE A 27 -4.47 7.98 -25.69
N ILE A 28 -4.97 7.13 -24.79
CA ILE A 28 -5.75 7.58 -23.64
C ILE A 28 -4.89 7.80 -22.41
N LYS A 29 -3.62 7.43 -22.45
CA LYS A 29 -2.76 7.52 -21.27
C LYS A 29 -2.80 8.88 -20.59
N PRO A 30 -2.75 10.00 -21.31
CA PRO A 30 -2.70 11.30 -20.60
C PRO A 30 -3.83 11.50 -19.61
N LEU A 31 -5.03 10.99 -19.92
CA LEU A 31 -6.16 11.17 -19.02
C LEU A 31 -5.92 10.50 -17.68
N GLY A 32 -5.33 9.31 -17.68
CA GLY A 32 -4.98 8.65 -16.44
C GLY A 32 -3.87 9.35 -15.70
N ASP A 33 -2.91 9.90 -16.44
CA ASP A 33 -1.83 10.66 -15.81
C ASP A 33 -2.38 11.86 -15.06
N ILE A 34 -3.41 12.51 -15.60
CA ILE A 34 -4.04 13.63 -14.90
C ILE A 34 -4.61 13.15 -13.57
N PHE A 35 -5.28 12.00 -13.58
CA PHE A 35 -5.86 11.47 -12.35
C PHE A 35 -4.78 11.16 -11.33
N LEU A 36 -3.68 10.54 -11.76
CA LEU A 36 -2.60 10.23 -10.84
C LEU A 36 -1.98 11.50 -10.28
N ARG A 37 -1.80 12.51 -11.13
CA ARG A 37 -1.24 13.78 -10.67
C ARG A 37 -2.13 14.41 -9.61
N LEU A 38 -3.44 14.42 -9.86
CA LEU A 38 -4.37 14.99 -8.89
C LEU A 38 -4.33 14.22 -7.58
N LEU A 39 -4.28 12.89 -7.65
CA LEU A 39 -4.25 12.09 -6.43
C LEU A 39 -2.98 12.38 -5.63
N LYS A 40 -1.84 12.46 -6.31
CA LYS A 40 -0.58 12.69 -5.61
C LYS A 40 -0.49 14.11 -5.09
N MET A 41 -1.21 15.05 -5.70
CA MET A 41 -1.15 16.44 -5.27
C MET A 41 -1.68 16.65 -3.85
N ILE A 42 -2.43 15.69 -3.31
CA ILE A 42 -3.10 15.86 -2.03
C ILE A 42 -2.37 15.18 -0.87
N VAL A 43 -1.42 14.28 -1.15
CA VAL A 43 -0.92 13.39 -0.12
C VAL A 43 -0.24 14.17 1.00
N VAL A 44 0.68 15.06 0.65
CA VAL A 44 1.55 15.69 1.64
C VAL A 44 0.72 16.55 2.60
N PRO A 45 0.03 17.59 2.13
CA PRO A 45 -0.75 18.42 3.06
C PRO A 45 -1.80 17.62 3.80
N LEU A 46 -2.46 16.69 3.12
CA LEU A 46 -3.45 15.85 3.79
C LEU A 46 -2.79 15.04 4.88
N VAL A 47 -1.65 14.42 4.59
CA VAL A 47 -0.97 13.59 5.59
C VAL A 47 -0.64 14.43 6.81
N PHE A 48 0.00 15.57 6.61
CA PHE A 48 0.43 16.38 7.74
C PHE A 48 -0.76 16.86 8.56
N SER A 49 -1.76 17.45 7.90
CA SER A 49 -2.91 17.99 8.61
C SER A 49 -3.64 16.90 9.37
N THR A 50 -3.86 15.75 8.72
CA THR A 50 -4.62 14.68 9.36
C THR A 50 -3.87 14.13 10.55
N ILE A 51 -2.55 13.92 10.43
CA ILE A 51 -1.79 13.38 11.55
C ILE A 51 -1.81 14.36 12.71
N VAL A 52 -1.59 15.64 12.42
CA VAL A 52 -1.55 16.64 13.49
C VAL A 52 -2.89 16.72 14.21
N THR A 53 -3.98 16.77 13.44
CA THR A 53 -5.29 16.91 14.05
C THR A 53 -5.71 15.63 14.77
N GLY A 54 -5.31 14.47 14.26
CA GLY A 54 -5.62 13.23 14.95
C GLY A 54 -4.90 13.11 16.27
N ILE A 55 -3.61 13.44 16.30
CA ILE A 55 -2.86 13.35 17.55
C ILE A 55 -3.34 14.41 18.53
N ALA A 56 -3.68 15.60 18.03
CA ALA A 56 -4.20 16.65 18.90
C ALA A 56 -5.52 16.22 19.53
N SER A 57 -6.37 15.55 18.75
CA SER A 57 -7.69 15.15 19.27
C SER A 57 -7.56 14.17 20.42
N MET A 58 -6.60 13.25 20.34
CA MET A 58 -6.45 12.24 21.39
C MET A 58 -6.36 12.89 22.76
N GLY A 59 -5.49 13.88 22.90
CA GLY A 59 -5.28 14.54 24.17
C GLY A 59 -4.45 13.75 25.17
N ASP A 60 -4.30 12.44 24.97
CA ASP A 60 -3.52 11.59 25.87
C ASP A 60 -2.32 11.08 25.09
N VAL A 61 -1.14 11.61 25.42
CA VAL A 61 0.08 11.19 24.73
C VAL A 61 0.36 9.71 25.01
N LYS A 62 0.16 9.28 26.25
CA LYS A 62 0.39 7.87 26.58
C LYS A 62 -0.42 6.96 25.69
N LYS A 63 -1.64 7.37 25.34
CA LYS A 63 -2.47 6.57 24.46
C LYS A 63 -1.82 6.40 23.09
N LEU A 64 -1.23 7.47 22.55
CA LEU A 64 -0.60 7.38 21.24
C LEU A 64 0.52 6.35 21.24
N GLY A 65 1.28 6.26 22.34
CA GLY A 65 2.36 5.29 22.39
C GLY A 65 1.87 3.86 22.24
N ARG A 66 0.76 3.53 22.93
CA ARG A 66 0.21 2.18 22.81
C ARG A 66 -0.23 1.90 21.39
N ILE A 67 -0.91 2.86 20.76
CA ILE A 67 -1.37 2.66 19.39
C ILE A 67 -0.19 2.45 18.46
N GLY A 68 0.86 3.26 18.63
CA GLY A 68 2.03 3.10 17.78
C GLY A 68 2.70 1.76 17.95
N ALA A 69 2.88 1.32 19.21
CA ALA A 69 3.51 0.04 19.46
C ALA A 69 2.69 -1.10 18.87
N LYS A 70 1.38 -1.07 19.08
CA LYS A 70 0.52 -2.13 18.56
C LYS A 70 0.54 -2.14 17.03
N THR A 71 0.51 -0.96 16.42
CA THR A 71 0.52 -0.87 14.97
C THR A 71 1.82 -1.42 14.40
N LEU A 72 2.95 -1.07 15.01
CA LEU A 72 4.23 -1.58 14.52
C LEU A 72 4.32 -3.08 14.68
N ILE A 73 3.86 -3.60 15.82
CA ILE A 73 3.88 -5.05 16.03
C ILE A 73 3.02 -5.73 14.98
N TYR A 74 1.84 -5.19 14.72
CA TYR A 74 0.95 -5.78 13.71
C TYR A 74 1.60 -5.76 12.34
N TYR A 75 2.25 -4.63 11.99
CA TYR A 75 2.91 -4.56 10.69
C TYR A 75 3.98 -5.64 10.57
N MET A 76 4.81 -5.79 11.60
CA MET A 76 5.85 -6.80 11.55
C MET A 76 5.25 -8.20 11.39
N ILE A 77 4.25 -8.52 12.22
CA ILE A 77 3.68 -9.86 12.19
C ILE A 77 3.06 -10.15 10.83
N THR A 78 2.28 -9.20 10.31
CA THR A 78 1.60 -9.43 9.04
C THR A 78 2.57 -9.48 7.87
N THR A 79 3.64 -8.69 7.90
CA THR A 79 4.64 -8.78 6.84
C THR A 79 5.33 -10.13 6.87
N THR A 80 5.66 -10.63 8.06
CA THR A 80 6.26 -11.95 8.17
C THR A 80 5.30 -13.01 7.63
N LEU A 81 4.03 -12.90 7.98
CA LEU A 81 3.03 -13.85 7.47
C LEU A 81 2.93 -13.76 5.94
N ALA A 82 3.00 -12.56 5.39
CA ALA A 82 2.92 -12.40 3.94
C ALA A 82 4.10 -13.07 3.26
N VAL A 83 5.31 -12.87 3.80
CA VAL A 83 6.49 -13.49 3.19
C VAL A 83 6.40 -15.01 3.31
N THR A 84 5.93 -15.52 4.45
CA THR A 84 5.77 -16.95 4.61
C THR A 84 4.78 -17.50 3.60
N ILE A 85 3.65 -16.82 3.41
CA ILE A 85 2.66 -17.27 2.46
C ILE A 85 3.23 -17.27 1.05
N GLY A 86 3.97 -16.22 0.70
CA GLY A 86 4.59 -16.16 -0.61
C GLY A 86 5.56 -17.30 -0.85
N LEU A 87 6.41 -17.58 0.15
CA LEU A 87 7.36 -18.67 0.00
C LEU A 87 6.65 -20.00 -0.15
N ILE A 88 5.64 -20.26 0.68
CA ILE A 88 4.91 -21.52 0.61
C ILE A 88 4.26 -21.67 -0.76
N LEU A 89 3.62 -20.59 -1.24
CA LEU A 89 2.94 -20.66 -2.53
C LEU A 89 3.93 -20.88 -3.67
N ALA A 90 5.07 -20.18 -3.64
CA ALA A 90 6.06 -20.34 -4.70
C ALA A 90 6.81 -21.66 -4.61
N ASN A 91 6.68 -22.36 -3.48
CA ASN A 91 7.22 -23.71 -3.38
C ASN A 91 6.22 -24.75 -3.89
N ILE A 92 4.96 -24.64 -3.46
CA ILE A 92 3.94 -25.58 -3.92
C ILE A 92 3.76 -25.46 -5.44
N PHE A 93 3.59 -24.24 -5.92
CA PHE A 93 3.71 -23.97 -7.34
C PHE A 93 5.18 -23.73 -7.67
N LYS A 94 5.51 -23.85 -8.94
CA LYS A 94 6.90 -23.69 -9.41
C LYS A 94 6.93 -22.83 -10.67
N PRO A 95 6.60 -21.54 -10.53
CA PRO A 95 6.61 -20.68 -11.73
C PRO A 95 7.96 -20.57 -12.41
N GLY A 96 9.04 -20.63 -11.64
CA GLY A 96 10.37 -20.48 -12.22
C GLY A 96 10.83 -21.68 -13.02
N LYS A 97 10.26 -22.85 -12.75
CA LYS A 97 10.70 -24.07 -13.43
C LYS A 97 10.54 -23.91 -14.94
N GLY A 98 11.60 -24.25 -15.67
CA GLY A 98 11.59 -24.23 -17.12
C GLY A 98 12.10 -22.95 -17.75
N LEU A 99 12.17 -21.86 -16.99
CA LEU A 99 12.61 -20.59 -17.53
C LEU A 99 14.10 -20.38 -17.26
N SER A 100 14.69 -19.44 -17.99
CA SER A 100 16.11 -19.12 -17.86
C SER A 100 16.43 -17.76 -18.47
N PRO A 113 22.29 1.56 2.11
CA PRO A 113 23.06 2.05 3.26
C PRO A 113 22.87 1.19 4.50
N SER A 114 23.69 1.42 5.52
CA SER A 114 23.55 0.68 6.77
C SER A 114 22.20 0.99 7.41
N PHE A 115 21.63 -0.02 8.07
CA PHE A 115 20.31 0.16 8.67
C PHE A 115 20.31 1.33 9.64
N THR A 116 21.34 1.43 10.48
CA THR A 116 21.41 2.55 11.43
C THR A 116 21.31 3.88 10.70
N GLU A 117 21.86 3.96 9.48
CA GLU A 117 21.76 5.18 8.70
C GLU A 117 20.34 5.38 8.18
N THR A 118 19.62 4.29 7.87
CA THR A 118 18.25 4.43 7.38
C THR A 118 17.31 4.89 8.47
N LEU A 119 17.53 4.44 9.71
CA LEU A 119 16.75 4.96 10.83
C LEU A 119 16.96 6.46 10.96
N LEU A 120 18.19 6.93 10.81
CA LEU A 120 18.41 8.35 10.59
C LEU A 120 17.89 8.73 9.21
N ASN A 121 17.71 10.03 9.00
CA ASN A 121 17.09 10.56 7.79
C ASN A 121 15.58 10.31 7.81
N MET A 122 15.10 9.56 8.81
CA MET A 122 13.68 9.60 9.12
C MET A 122 13.35 10.81 9.98
N ILE A 123 14.38 11.44 10.56
CA ILE A 123 14.23 12.68 11.30
C ILE A 123 14.62 13.82 10.37
N PRO A 124 13.69 14.65 9.91
CA PRO A 124 14.08 15.74 8.99
C PRO A 124 15.00 16.73 9.68
N THR A 125 16.06 17.12 8.98
CA THR A 125 16.85 18.26 9.43
C THR A 125 16.20 19.57 9.05
N ASN A 126 15.19 19.54 8.20
CA ASN A 126 14.44 20.72 7.80
C ASN A 126 13.03 20.29 7.44
N PRO A 127 12.02 20.62 8.25
CA PRO A 127 10.65 20.17 7.92
C PRO A 127 10.20 20.61 6.54
N PHE A 128 10.55 21.83 6.13
CA PHE A 128 10.12 22.31 4.82
C PHE A 128 10.88 21.61 3.70
N GLU A 129 12.12 21.22 3.94
CA GLU A 129 12.84 20.41 2.95
C GLU A 129 12.16 19.06 2.78
N ALA A 130 11.73 18.45 3.87
CA ALA A 130 11.00 17.20 3.78
C ALA A 130 9.69 17.39 3.03
N MET A 131 8.98 18.48 3.31
CA MET A 131 7.72 18.74 2.63
C MET A 131 7.94 18.93 1.14
N ALA A 132 8.94 19.73 0.76
CA ALA A 132 9.18 19.99 -0.66
C ALA A 132 9.59 18.72 -1.39
N GLU A 133 10.47 17.92 -0.78
CA GLU A 133 10.92 16.68 -1.42
C GLU A 133 9.88 15.57 -1.32
N GLY A 134 8.80 15.78 -0.58
CA GLY A 134 7.81 14.72 -0.42
C GLY A 134 8.35 13.52 0.31
N ASN A 135 9.22 13.74 1.30
CA ASN A 135 9.78 12.67 2.11
C ASN A 135 8.72 12.24 3.13
N MET A 136 8.04 11.14 2.85
CA MET A 136 6.88 10.77 3.64
C MET A 136 7.25 10.41 5.09
N LEU A 137 8.34 9.66 5.27
CA LEU A 137 8.72 9.28 6.63
C LEU A 137 9.10 10.49 7.47
N GLN A 138 9.86 11.41 6.88
CA GLN A 138 10.24 12.62 7.61
C GLN A 138 9.02 13.48 7.92
N ILE A 139 8.11 13.59 6.95
CA ILE A 139 6.88 14.35 7.19
C ILE A 139 6.08 13.72 8.33
N ILE A 140 6.03 12.38 8.37
CA ILE A 140 5.28 11.70 9.42
C ILE A 140 5.93 11.92 10.78
N VAL A 141 7.26 11.88 10.82
CA VAL A 141 7.96 12.11 12.09
C VAL A 141 7.69 13.51 12.59
N PHE A 142 7.81 14.50 11.70
CA PHE A 142 7.57 15.88 12.12
C PHE A 142 6.12 16.08 12.52
N ALA A 143 5.19 15.44 11.82
CA ALA A 143 3.78 15.55 12.16
C ALA A 143 3.51 14.94 13.52
N ILE A 144 4.15 13.82 13.84
CA ILE A 144 3.99 13.21 15.15
C ILE A 144 4.50 14.15 16.23
N PHE A 145 5.68 14.74 16.01
CA PHE A 145 6.20 15.70 16.98
C PHE A 145 5.25 16.89 17.16
N PHE A 146 4.75 17.42 16.04
CA PHE A 146 3.86 18.57 16.09
C PHE A 146 2.58 18.23 16.82
N GLY A 147 1.99 17.07 16.53
CA GLY A 147 0.76 16.68 17.19
C GLY A 147 0.95 16.45 18.67
N ILE A 148 2.08 15.84 19.06
CA ILE A 148 2.35 15.65 20.48
C ILE A 148 2.49 17.01 21.17
N ALA A 149 3.19 17.95 20.53
CA ALA A 149 3.31 19.28 21.10
C ALA A 149 1.93 19.91 21.28
N LEU A 150 1.09 19.80 20.27
CA LEU A 150 -0.25 20.38 20.36
C LEU A 150 -1.06 19.72 21.48
N ALA A 151 -0.92 18.41 21.63
CA ALA A 151 -1.68 17.71 22.67
C ALA A 151 -1.20 18.11 24.06
N LEU A 152 0.09 18.38 24.22
CA LEU A 152 0.63 18.70 25.54
C LEU A 152 0.40 20.15 25.98
N MET A 153 0.03 21.05 25.07
CA MET A 153 -0.19 22.44 25.41
C MET A 153 -1.66 22.82 25.56
N GLY A 154 -2.54 22.19 24.79
CA GLY A 154 -3.96 22.42 24.98
C GLY A 154 -4.38 23.82 24.58
N GLU A 155 -4.79 24.62 25.57
CA GLU A 155 -5.39 25.92 25.29
C GLU A 155 -4.45 26.82 24.52
N LYS A 156 -3.15 26.70 24.72
CA LYS A 156 -2.21 27.59 24.07
C LYS A 156 -2.08 27.32 22.57
N ALA A 157 -2.60 26.18 22.10
CA ALA A 157 -2.47 25.78 20.71
C ALA A 157 -3.75 25.96 19.91
N GLU A 158 -4.75 26.66 20.46
CA GLU A 158 -6.05 26.72 19.81
C GLU A 158 -5.97 27.27 18.39
N PRO A 159 -5.29 28.39 18.11
CA PRO A 159 -5.25 28.86 16.72
C PRO A 159 -4.66 27.84 15.76
N VAL A 160 -3.47 27.32 16.06
CA VAL A 160 -2.83 26.34 15.18
C VAL A 160 -3.65 25.06 15.11
N LYS A 161 -4.18 24.59 16.24
CA LYS A 161 -4.96 23.36 16.23
C LYS A 161 -6.19 23.50 15.35
N LYS A 162 -6.94 24.59 15.51
CA LYS A 162 -8.12 24.80 14.70
C LYS A 162 -7.77 24.98 13.23
N PHE A 163 -6.67 25.70 12.94
CA PHE A 163 -6.27 25.86 11.55
C PHE A 163 -5.97 24.52 10.90
N PHE A 164 -5.27 23.63 11.63
CA PHE A 164 -4.92 22.35 11.03
C PHE A 164 -6.12 21.43 10.91
N ASP A 165 -7.07 21.53 11.85
CA ASP A 165 -8.30 20.76 11.69
C ASP A 165 -9.08 21.21 10.46
N SER A 166 -9.22 22.53 10.28
CA SER A 166 -9.90 23.04 9.10
C SER A 166 -9.15 22.68 7.83
N ALA A 167 -7.82 22.69 7.89
CA ALA A 167 -7.02 22.30 6.73
C ALA A 167 -7.25 20.85 6.37
N SER A 168 -7.33 19.97 7.37
CA SER A 168 -7.63 18.56 7.10
C SER A 168 -8.99 18.43 6.44
N GLU A 169 -9.99 19.16 6.95
CA GLU A 169 -11.31 19.11 6.34
C GLU A 169 -11.26 19.60 4.89
N VAL A 170 -10.49 20.65 4.64
CA VAL A 170 -10.39 21.19 3.28
C VAL A 170 -9.74 20.18 2.35
N MET A 171 -8.69 19.50 2.83
CA MET A 171 -8.02 18.52 2.00
C MET A 171 -8.94 17.33 1.71
N PHE A 172 -9.76 16.95 2.68
CA PHE A 172 -10.76 15.91 2.42
C PHE A 172 -11.79 16.36 1.40
N LYS A 173 -12.20 17.62 1.46
CA LYS A 173 -13.09 18.16 0.42
C LYS A 173 -12.43 18.11 -0.95
N ILE A 174 -11.14 18.45 -1.00
CA ILE A 174 -10.41 18.38 -2.27
C ILE A 174 -10.39 16.95 -2.79
N THR A 175 -10.10 15.99 -1.91
CA THR A 175 -10.12 14.59 -2.31
C THR A 175 -11.49 14.21 -2.83
N ASP A 176 -12.55 14.75 -2.23
CA ASP A 176 -13.89 14.50 -2.74
C ASP A 176 -14.05 15.07 -4.15
N ILE A 177 -13.50 16.25 -4.39
CA ILE A 177 -13.63 16.89 -5.70
C ILE A 177 -12.95 16.06 -6.77
N VAL A 178 -11.70 15.67 -6.53
CA VAL A 178 -10.94 14.96 -7.57
C VAL A 178 -11.54 13.59 -7.81
N MET A 179 -12.06 12.95 -6.77
CA MET A 179 -12.62 11.61 -6.93
C MET A 179 -13.80 11.59 -7.89
N LYS A 180 -14.42 12.75 -8.13
CA LYS A 180 -15.45 12.80 -9.15
C LYS A 180 -14.88 12.49 -10.53
N PHE A 181 -13.61 12.80 -10.73
CA PHE A 181 -12.91 12.43 -11.96
C PHE A 181 -12.42 10.99 -11.95
N ALA A 182 -12.60 10.28 -10.82
CA ALA A 182 -12.06 8.93 -10.69
C ALA A 182 -12.54 7.96 -11.75
N PRO A 183 -13.82 7.93 -12.12
CA PRO A 183 -14.23 6.97 -13.16
C PRO A 183 -13.43 7.09 -14.45
N TYR A 184 -13.19 8.31 -14.91
CA TYR A 184 -12.50 8.49 -16.19
C TYR A 184 -11.00 8.22 -16.04
N GLY A 185 -10.40 8.62 -14.92
CA GLY A 185 -9.01 8.29 -14.69
C GLY A 185 -8.78 6.79 -14.63
N VAL A 186 -9.67 6.07 -13.95
CA VAL A 186 -9.54 4.62 -13.85
C VAL A 186 -9.79 3.99 -15.22
N PHE A 187 -10.74 4.52 -15.98
CA PHE A 187 -10.94 4.04 -17.34
C PHE A 187 -9.66 4.17 -18.15
N ALA A 188 -9.02 5.34 -18.09
CA ALA A 188 -7.80 5.56 -18.84
C ALA A 188 -6.69 4.63 -18.38
N LEU A 189 -6.51 4.49 -17.07
CA LEU A 189 -5.46 3.63 -16.56
C LEU A 189 -5.66 2.19 -17.00
N MET A 190 -6.88 1.67 -16.87
CA MET A 190 -7.14 0.29 -17.25
C MET A 190 -6.97 0.09 -18.75
N ALA A 191 -7.47 1.02 -19.56
CA ALA A 191 -7.29 0.91 -21.00
C ALA A 191 -5.81 0.87 -21.36
N TRP A 192 -5.03 1.79 -20.80
CA TRP A 192 -3.61 1.83 -21.12
C TRP A 192 -2.92 0.55 -20.70
N THR A 193 -3.20 0.07 -19.49
CA THR A 193 -2.51 -1.12 -18.99
C THR A 193 -2.85 -2.33 -19.83
N VAL A 194 -4.15 -2.55 -20.11
CA VAL A 194 -4.56 -3.72 -20.86
C VAL A 194 -4.13 -3.63 -22.31
N GLY A 195 -3.93 -2.42 -22.84
CA GLY A 195 -3.39 -2.30 -24.18
C GLY A 195 -1.90 -2.59 -24.23
N LYS A 196 -1.17 -2.08 -23.24
CA LYS A 196 0.28 -2.25 -23.25
C LYS A 196 0.67 -3.70 -22.99
N TYR A 197 0.06 -4.33 -21.98
CA TYR A 197 0.47 -5.67 -21.57
C TYR A 197 -0.42 -6.71 -22.26
N GLY A 198 -0.07 -6.99 -23.51
CA GLY A 198 -0.82 -7.93 -24.31
C GLY A 198 -0.54 -9.37 -23.91
N LEU A 199 -1.42 -10.26 -24.38
CA LEU A 199 -1.37 -11.66 -23.96
C LEU A 199 -0.02 -12.29 -24.27
N ASP A 200 0.65 -11.83 -25.33
CA ASP A 200 1.95 -12.39 -25.67
C ASP A 200 2.95 -12.22 -24.53
N VAL A 201 2.90 -11.07 -23.86
CA VAL A 201 3.81 -10.84 -22.73
C VAL A 201 3.46 -11.76 -21.57
N LEU A 202 2.17 -12.01 -21.34
CA LEU A 202 1.75 -12.81 -20.20
C LEU A 202 1.96 -14.30 -20.44
N ALA A 203 1.95 -14.73 -21.70
CA ALA A 203 2.02 -16.16 -22.00
C ALA A 203 3.19 -16.87 -21.34
N PRO A 204 4.42 -16.38 -21.41
CA PRO A 204 5.53 -17.09 -20.77
C PRO A 204 5.51 -17.02 -19.24
N LEU A 205 4.99 -15.94 -18.65
CA LEU A 205 5.02 -15.75 -17.22
C LEU A 205 3.66 -15.92 -16.57
N GLY A 206 2.70 -16.53 -17.27
CA GLY A 206 1.38 -16.75 -16.68
C GLY A 206 1.45 -17.49 -15.37
N LYS A 207 2.42 -18.41 -15.22
CA LYS A 207 2.59 -19.10 -13.95
C LYS A 207 2.91 -18.11 -12.83
N LEU A 208 3.84 -17.19 -13.09
CA LEU A 208 4.19 -16.20 -12.06
C LEU A 208 3.01 -15.28 -11.76
N ILE A 209 2.28 -14.86 -12.79
CA ILE A 209 1.13 -13.99 -12.56
C ILE A 209 0.10 -14.70 -11.70
N LEU A 210 -0.22 -15.95 -12.04
CA LEU A 210 -1.18 -16.70 -11.25
C LEU A 210 -0.68 -16.88 -9.81
N THR A 211 0.61 -17.19 -9.65
CA THR A 211 1.16 -17.41 -8.32
C THR A 211 1.04 -16.14 -7.47
N VAL A 212 1.39 -14.98 -8.03
CA VAL A 212 1.37 -13.75 -7.26
C VAL A 212 -0.07 -13.36 -6.93
N TYR A 213 -0.97 -13.43 -7.91
CA TYR A 213 -2.36 -13.06 -7.64
C TYR A 213 -2.98 -14.00 -6.61
N LEU A 214 -2.70 -15.30 -6.71
CA LEU A 214 -3.26 -16.26 -5.76
C LEU A 214 -2.65 -16.07 -4.38
N GLY A 215 -1.37 -15.73 -4.31
CA GLY A 215 -0.77 -15.42 -3.02
C GLY A 215 -1.41 -14.22 -2.37
N CYS A 216 -1.66 -13.17 -3.14
CA CYS A 216 -2.33 -11.98 -2.61
C CYS A 216 -3.74 -12.31 -2.13
N ILE A 217 -4.49 -13.08 -2.95
CA ILE A 217 -5.85 -13.43 -2.58
C ILE A 217 -5.85 -14.27 -1.32
N ILE A 218 -4.94 -15.24 -1.22
CA ILE A 218 -4.84 -16.06 -0.02
C ILE A 218 -4.50 -15.21 1.19
N HIS A 219 -3.58 -14.25 1.03
CA HIS A 219 -3.28 -13.36 2.14
C HIS A 219 -4.54 -12.63 2.60
N ILE A 220 -5.29 -12.06 1.66
CA ILE A 220 -6.47 -11.29 2.01
C ILE A 220 -7.51 -12.19 2.68
N LEU A 221 -7.65 -13.42 2.22
CA LEU A 221 -8.74 -14.27 2.68
C LEU A 221 -8.39 -15.08 3.92
N ILE A 222 -7.10 -15.24 4.25
CA ILE A 222 -6.68 -16.08 5.35
C ILE A 222 -6.11 -15.25 6.50
N VAL A 223 -5.33 -14.22 6.19
CA VAL A 223 -4.68 -13.43 7.24
C VAL A 223 -5.61 -12.30 7.64
N TYR A 224 -6.00 -11.47 6.67
CA TYR A 224 -6.84 -10.32 6.98
C TYR A 224 -8.22 -10.76 7.43
N THR A 225 -8.84 -11.69 6.70
CA THR A 225 -10.21 -12.08 7.01
C THR A 225 -10.30 -12.75 8.37
N LEU A 226 -9.42 -13.71 8.65
CA LEU A 226 -9.47 -14.40 9.94
C LEU A 226 -9.17 -13.45 11.09
N LEU A 227 -8.22 -12.53 10.89
CA LEU A 227 -7.94 -11.53 11.91
C LEU A 227 -9.18 -10.71 12.20
N LEU A 228 -9.81 -10.16 11.15
CA LEU A 228 -11.02 -9.37 11.35
C LEU A 228 -12.10 -10.17 12.04
N ARG A 229 -12.20 -11.46 11.73
CA ARG A 229 -13.26 -12.28 12.28
C ARG A 229 -13.03 -12.58 13.76
N PHE A 230 -11.78 -12.88 14.14
CA PHE A 230 -11.50 -13.43 15.46
C PHE A 230 -10.96 -12.43 16.46
N LEU A 231 -10.14 -11.46 16.04
CA LEU A 231 -9.60 -10.47 16.95
C LEU A 231 -10.43 -9.21 17.00
N CYS A 232 -10.86 -8.70 15.84
CA CYS A 232 -11.75 -7.55 15.82
C CYS A 232 -13.19 -7.93 16.15
N LYS A 233 -13.57 -9.18 15.94
CA LYS A 233 -14.91 -9.70 16.18
C LYS A 233 -15.95 -9.08 15.26
N ILE A 234 -15.54 -8.47 14.17
CA ILE A 234 -16.45 -7.83 13.23
C ILE A 234 -16.48 -8.63 11.94
N ASN A 235 -17.60 -8.53 11.23
CA ASN A 235 -17.75 -9.27 9.97
C ASN A 235 -16.75 -8.77 8.95
N PRO A 236 -16.14 -9.66 8.15
CA PRO A 236 -15.23 -9.20 7.10
C PRO A 236 -15.95 -8.76 5.83
N LEU A 237 -17.12 -9.35 5.59
CA LEU A 237 -17.84 -9.08 4.35
C LEU A 237 -18.24 -7.60 4.27
N ARG A 238 -18.86 -7.08 5.32
CA ARG A 238 -19.21 -5.65 5.32
C ARG A 238 -17.96 -4.79 5.34
N PHE A 239 -16.89 -5.24 6.01
CA PHE A 239 -15.65 -4.48 6.00
C PHE A 239 -15.17 -4.25 4.56
N PHE A 240 -15.06 -5.33 3.78
CA PHE A 240 -14.65 -5.18 2.39
C PHE A 240 -15.67 -4.40 1.59
N LYS A 241 -16.96 -4.65 1.82
CA LYS A 241 -17.99 -3.92 1.10
C LYS A 241 -17.92 -2.41 1.37
N LYS A 242 -17.35 -2.02 2.51
CA LYS A 242 -17.20 -0.60 2.81
C LYS A 242 -15.92 -0.05 2.20
N ILE A 243 -14.84 -0.82 2.24
CA ILE A 243 -13.55 -0.30 1.77
C ILE A 243 -13.34 -0.64 0.30
N LYS A 244 -14.41 -1.05 -0.39
CA LYS A 244 -14.30 -1.44 -1.79
C LYS A 244 -13.64 -0.34 -2.63
N GLU A 245 -14.05 0.91 -2.41
CA GLU A 245 -13.52 2.01 -3.22
C GLU A 245 -12.01 2.12 -3.09
N ALA A 246 -11.50 2.04 -1.86
CA ALA A 246 -10.06 2.16 -1.65
C ALA A 246 -9.32 1.04 -2.36
N MET A 247 -9.81 -0.19 -2.24
CA MET A 247 -9.15 -1.32 -2.89
C MET A 247 -9.14 -1.15 -4.40
N LEU A 248 -10.26 -0.73 -4.98
CA LEU A 248 -10.32 -0.57 -6.43
C LEU A 248 -9.39 0.53 -6.90
N VAL A 249 -9.35 1.65 -6.19
CA VAL A 249 -8.46 2.75 -6.60
C VAL A 249 -7.00 2.33 -6.44
N ALA A 250 -6.68 1.57 -5.40
CA ALA A 250 -5.31 1.10 -5.24
C ALA A 250 -4.93 0.15 -6.36
N PHE A 251 -5.85 -0.75 -6.75
CA PHE A 251 -5.58 -1.64 -7.87
C PHE A 251 -5.34 -0.85 -9.15
N SER A 252 -6.17 0.14 -9.41
CA SER A 252 -6.06 0.90 -10.67
C SER A 252 -4.81 1.77 -10.68
N THR A 253 -4.41 2.30 -9.52
CA THR A 253 -3.37 3.31 -9.45
C THR A 253 -1.97 2.74 -9.29
N CYS A 254 -1.85 1.57 -8.68
CA CYS A 254 -0.55 0.91 -8.49
C CYS A 254 0.39 1.72 -7.62
N SER A 255 -0.16 2.48 -6.67
CA SER A 255 0.66 3.25 -5.74
C SER A 255 -0.12 3.54 -4.48
N SER A 256 0.45 3.13 -3.33
CA SER A 256 -0.21 3.35 -2.06
C SER A 256 -0.25 4.83 -1.70
N ALA A 257 0.81 5.58 -2.03
CA ALA A 257 0.85 6.99 -1.70
C ALA A 257 -0.27 7.75 -2.40
N ALA A 258 -0.46 7.50 -3.70
CA ALA A 258 -1.51 8.19 -4.43
C ALA A 258 -2.90 7.75 -4.00
N THR A 259 -3.04 6.53 -3.48
CA THR A 259 -4.33 6.05 -3.01
C THR A 259 -4.59 6.42 -1.55
N LEU A 260 -3.60 6.95 -0.84
CA LEU A 260 -3.80 7.31 0.56
C LEU A 260 -4.99 8.22 0.77
N PRO A 261 -5.24 9.24 -0.04
CA PRO A 261 -6.45 10.05 0.18
C PRO A 261 -7.74 9.24 0.21
N VAL A 262 -7.86 8.24 -0.67
CA VAL A 262 -9.06 7.42 -0.69
C VAL A 262 -9.14 6.52 0.53
N THR A 263 -8.01 5.96 0.95
CA THR A 263 -8.01 5.13 2.16
C THR A 263 -8.45 5.95 3.37
N MET A 264 -7.94 7.17 3.49
CA MET A 264 -8.33 8.03 4.61
C MET A 264 -9.78 8.49 4.45
N ARG A 265 -10.27 8.62 3.23
CA ARG A 265 -11.67 8.95 3.03
C ARG A 265 -12.57 7.83 3.53
N VAL A 266 -12.27 6.59 3.13
CA VAL A 266 -13.10 5.46 3.53
C VAL A 266 -12.91 5.11 5.00
N ALA A 267 -11.76 5.44 5.60
CA ALA A 267 -11.54 5.08 7.00
C ALA A 267 -12.58 5.73 7.90
N GLU A 268 -12.84 7.03 7.71
CA GLU A 268 -13.91 7.68 8.44
C GLU A 268 -15.27 7.09 8.09
N GLU A 269 -15.49 6.76 6.81
CA GLU A 269 -16.71 6.06 6.44
C GLU A 269 -16.83 4.72 7.16
N LEU A 270 -15.71 4.14 7.57
CA LEU A 270 -15.75 2.90 8.35
C LEU A 270 -16.19 3.16 9.79
N GLY A 271 -16.00 4.37 10.30
CA GLY A 271 -16.48 4.71 11.62
C GLY A 271 -15.49 4.51 12.75
N VAL A 272 -14.26 4.10 12.45
CA VAL A 272 -13.24 3.99 13.49
C VAL A 272 -12.91 5.40 13.96
N PRO A 273 -12.46 5.58 15.19
CA PRO A 273 -12.12 6.94 15.66
C PRO A 273 -11.17 7.62 14.69
N GLU A 274 -11.52 8.85 14.31
CA GLU A 274 -10.76 9.58 13.30
C GLU A 274 -9.30 9.77 13.71
N SER A 275 -9.02 9.95 15.01
CA SER A 275 -7.66 10.10 15.45
C SER A 275 -6.84 8.84 15.15
N ILE A 276 -7.41 7.67 15.45
CA ILE A 276 -6.68 6.42 15.22
C ILE A 276 -6.40 6.22 13.74
N ALA A 277 -7.40 6.43 12.88
CA ALA A 277 -7.17 6.30 11.45
C ALA A 277 -6.13 7.30 10.97
N SER A 278 -6.26 8.55 11.41
CA SER A 278 -5.35 9.60 10.94
C SER A 278 -3.91 9.28 11.31
N PHE A 279 -3.66 8.84 12.54
CA PHE A 279 -2.29 8.60 12.97
C PHE A 279 -1.65 7.46 12.16
N THR A 280 -2.42 6.39 11.92
CA THR A 280 -1.82 5.15 11.42
C THR A 280 -1.80 5.08 9.89
N LEU A 281 -2.89 5.48 9.24
CA LEU A 281 -3.02 5.20 7.80
C LEU A 281 -1.82 5.66 6.99
N PRO A 282 -1.35 6.90 7.09
CA PRO A 282 -0.17 7.29 6.31
C PRO A 282 1.07 6.47 6.66
N LEU A 283 1.28 6.21 7.95
CA LEU A 283 2.44 5.44 8.37
C LEU A 283 2.43 4.05 7.75
N GLY A 284 1.28 3.37 7.82
CA GLY A 284 1.17 2.06 7.22
C GLY A 284 1.35 2.10 5.71
N ALA A 285 0.71 3.07 5.05
CA ALA A 285 0.87 3.20 3.61
C ALA A 285 2.33 3.35 3.24
N THR A 286 3.11 4.02 4.09
CA THR A 286 4.54 4.18 3.80
C THR A 286 5.34 2.92 4.11
N ILE A 287 4.95 2.17 5.14
CA ILE A 287 5.72 1.01 5.60
C ILE A 287 4.98 -0.30 5.33
N ASN A 288 3.70 -0.37 5.67
CA ASN A 288 3.01 -1.66 5.67
C ASN A 288 2.79 -2.17 4.26
N MET A 289 3.86 -2.62 3.62
CA MET A 289 3.79 -3.16 2.26
C MET A 289 3.76 -4.68 2.29
N ASP A 290 2.64 -5.22 2.77
CA ASP A 290 2.48 -6.68 2.86
C ASP A 290 2.55 -7.31 1.48
N GLY A 291 1.81 -6.76 0.52
CA GLY A 291 1.84 -7.30 -0.84
C GLY A 291 3.23 -7.25 -1.44
N THR A 292 3.96 -6.18 -1.17
CA THR A 292 5.32 -6.06 -1.69
C THR A 292 6.22 -7.18 -1.14
N ALA A 293 6.09 -7.45 0.16
CA ALA A 293 6.90 -8.52 0.76
C ALA A 293 6.53 -9.87 0.17
N LEU A 294 5.23 -10.12 0.01
CA LEU A 294 4.79 -11.38 -0.57
C LEU A 294 5.34 -11.54 -1.98
N TYR A 295 5.25 -10.48 -2.79
CA TYR A 295 5.78 -10.55 -4.14
C TYR A 295 7.29 -10.75 -4.13
N GLN A 296 7.99 -10.11 -3.20
CA GLN A 296 9.44 -10.29 -3.13
C GLN A 296 9.80 -11.74 -2.84
N GLY A 297 9.11 -12.36 -1.88
CA GLY A 297 9.36 -13.77 -1.62
C GLY A 297 9.05 -14.64 -2.83
N VAL A 298 7.91 -14.38 -3.47
CA VAL A 298 7.53 -15.18 -4.63
C VAL A 298 8.57 -15.03 -5.73
N ALA A 299 9.06 -13.81 -5.96
CA ALA A 299 10.03 -13.58 -7.03
C ALA A 299 11.37 -14.24 -6.69
N ALA A 300 11.76 -14.20 -5.42
CA ALA A 300 13.00 -14.88 -5.03
C ALA A 300 12.91 -16.37 -5.32
N ILE A 301 11.81 -17.01 -4.91
CA ILE A 301 11.66 -18.43 -5.20
C ILE A 301 11.59 -18.67 -6.70
N PHE A 302 10.93 -17.76 -7.44
CA PHE A 302 10.80 -17.91 -8.88
C PHE A 302 12.16 -17.91 -9.56
N VAL A 303 13.00 -16.94 -9.23
CA VAL A 303 14.32 -16.88 -9.87
C VAL A 303 15.18 -18.05 -9.42
N ALA A 304 15.05 -18.48 -8.15
CA ALA A 304 15.81 -19.63 -7.69
C ALA A 304 15.45 -20.86 -8.51
N GLN A 305 14.16 -21.07 -8.75
CA GLN A 305 13.73 -22.20 -9.58
C GLN A 305 14.22 -22.03 -11.01
N ALA A 306 14.15 -20.81 -11.54
CA ALA A 306 14.55 -20.58 -12.92
C ALA A 306 16.02 -20.93 -13.14
N TYR A 307 16.87 -20.52 -12.21
CA TYR A 307 18.31 -20.79 -12.32
C TYR A 307 18.71 -22.10 -11.65
N GLY A 308 17.75 -22.88 -11.15
CA GLY A 308 18.04 -24.20 -10.65
C GLY A 308 18.65 -24.27 -9.27
N VAL A 309 18.66 -23.17 -8.52
CA VAL A 309 19.20 -23.16 -7.17
C VAL A 309 18.15 -23.74 -6.23
N GLU A 310 18.50 -24.83 -5.54
CA GLU A 310 17.59 -25.49 -4.61
C GLU A 310 17.85 -24.94 -3.20
N LEU A 311 17.21 -23.81 -2.92
CA LEU A 311 17.36 -23.16 -1.62
C LEU A 311 16.84 -24.06 -0.51
N THR A 312 17.62 -24.20 0.55
CA THR A 312 17.22 -25.02 1.68
C THR A 312 16.34 -24.22 2.63
N LEU A 313 15.71 -24.93 3.57
CA LEU A 313 14.87 -24.27 4.56
C LEU A 313 15.65 -23.22 5.33
N GLY A 314 16.94 -23.48 5.59
CA GLY A 314 17.77 -22.46 6.20
C GLY A 314 17.90 -21.23 5.32
N GLN A 315 18.11 -21.42 4.02
CA GLN A 315 18.15 -20.30 3.09
C GLN A 315 16.78 -19.65 2.97
N GLN A 316 15.72 -20.45 2.93
CA GLN A 316 14.37 -19.90 2.81
C GLN A 316 14.03 -19.03 4.01
N LEU A 317 14.56 -19.37 5.18
CA LEU A 317 14.33 -18.55 6.36
C LEU A 317 14.93 -17.16 6.20
N THR A 318 16.12 -17.08 5.60
CA THR A 318 16.74 -15.77 5.39
C THR A 318 15.86 -14.87 4.52
N ILE A 319 15.11 -15.46 3.60
CA ILE A 319 14.23 -14.66 2.74
C ILE A 319 13.19 -13.94 3.58
N VAL A 320 12.65 -14.61 4.61
CA VAL A 320 11.64 -13.99 5.45
C VAL A 320 12.21 -12.73 6.11
N LEU A 321 13.38 -12.86 6.74
CA LEU A 321 13.96 -11.72 7.44
C LEU A 321 14.30 -10.60 6.48
N THR A 322 14.92 -10.95 5.34
CA THR A 322 15.35 -9.91 4.40
C THR A 322 14.15 -9.19 3.81
N ALA A 323 13.10 -9.92 3.45
CA ALA A 323 11.90 -9.28 2.92
C ALA A 323 11.23 -8.40 3.96
N VAL A 324 11.19 -8.86 5.22
CA VAL A 324 10.60 -8.05 6.28
C VAL A 324 11.37 -6.74 6.43
N LEU A 325 12.71 -6.83 6.36
CA LEU A 325 13.51 -5.62 6.52
C LEU A 325 13.43 -4.71 5.29
N ALA A 326 13.23 -5.30 4.11
CA ALA A 326 13.26 -4.50 2.88
C ALA A 326 12.19 -3.43 2.86
N SER A 327 11.06 -3.66 3.53
CA SER A 327 10.00 -2.67 3.54
C SER A 327 10.46 -1.36 4.19
N ILE A 328 11.54 -1.40 4.96
CA ILE A 328 12.12 -0.19 5.54
C ILE A 328 13.64 -0.28 5.49
N GLY A 337 8.85 -0.68 -6.75
CA GLY A 337 8.65 -1.95 -6.10
C GLY A 337 9.57 -3.03 -6.62
N LEU A 338 9.91 -2.93 -7.91
CA LEU A 338 10.82 -3.90 -8.51
C LEU A 338 12.25 -3.70 -8.00
N VAL A 339 12.66 -2.46 -7.77
CA VAL A 339 14.05 -2.19 -7.39
C VAL A 339 14.34 -2.77 -6.01
N MET A 340 13.39 -2.67 -5.09
CA MET A 340 13.61 -3.20 -3.74
C MET A 340 13.89 -4.70 -3.77
N LEU A 341 13.42 -5.40 -4.80
CA LEU A 341 13.61 -6.84 -4.85
C LEU A 341 15.08 -7.22 -4.90
N THR A 342 15.92 -6.36 -5.50
CA THR A 342 17.33 -6.70 -5.67
C THR A 342 17.99 -7.06 -4.34
N MET A 343 17.60 -6.40 -3.26
CA MET A 343 18.15 -6.72 -1.95
C MET A 343 17.80 -8.15 -1.56
N VAL A 344 16.56 -8.57 -1.84
CA VAL A 344 16.14 -9.93 -1.49
C VAL A 344 16.96 -10.94 -2.29
N LEU A 345 17.14 -10.68 -3.58
CA LEU A 345 17.95 -11.58 -4.40
C LEU A 345 19.38 -11.65 -3.89
N THR A 346 19.97 -10.50 -3.59
CA THR A 346 21.37 -10.45 -3.19
C THR A 346 21.57 -11.17 -1.85
N SER A 347 20.62 -11.00 -0.93
CA SER A 347 20.82 -11.52 0.42
C SER A 347 21.15 -13.02 0.41
N VAL A 348 20.50 -13.79 -0.44
CA VAL A 348 20.72 -15.23 -0.48
C VAL A 348 21.59 -15.68 -1.65
N GLY A 349 21.80 -14.83 -2.64
CA GLY A 349 22.78 -15.09 -3.68
C GLY A 349 22.25 -15.48 -5.04
N LEU A 350 20.97 -15.29 -5.31
CA LEU A 350 20.46 -15.56 -6.64
C LEU A 350 21.00 -14.54 -7.63
N PRO A 351 21.24 -14.94 -8.88
CA PRO A 351 21.74 -13.97 -9.88
C PRO A 351 20.76 -12.82 -10.01
N LEU A 352 21.31 -11.61 -10.12
CA LEU A 352 20.45 -10.42 -10.24
C LEU A 352 19.84 -10.29 -11.62
N GLU A 353 20.30 -11.08 -12.59
CA GLU A 353 19.75 -11.01 -13.93
C GLU A 353 18.30 -11.47 -13.98
N GLY A 354 17.84 -12.18 -12.97
CA GLY A 354 16.44 -12.61 -12.94
C GLY A 354 15.46 -11.47 -12.93
N ILE A 355 15.92 -10.26 -12.57
CA ILE A 355 15.04 -9.10 -12.59
C ILE A 355 14.50 -8.86 -13.99
N ALA A 356 15.32 -9.10 -15.01
CA ALA A 356 14.92 -8.82 -16.38
C ALA A 356 13.67 -9.58 -16.78
N LEU A 357 13.58 -10.85 -16.36
CA LEU A 357 12.45 -11.67 -16.76
C LEU A 357 11.13 -11.10 -16.25
N ILE A 358 11.13 -10.64 -15.00
CA ILE A 358 9.88 -10.15 -14.40
C ILE A 358 9.62 -8.69 -14.77
N ALA A 359 10.65 -7.98 -15.27
CA ALA A 359 10.50 -6.55 -15.50
C ALA A 359 9.45 -6.24 -16.55
N GLY A 360 9.12 -7.20 -17.42
CA GLY A 360 8.17 -6.95 -18.48
C GLY A 360 6.73 -6.93 -18.03
N ILE A 361 6.44 -7.47 -16.85
CA ILE A 361 5.06 -7.59 -16.37
C ILE A 361 4.95 -6.99 -14.98
N ASP A 362 5.78 -5.99 -14.67
CA ASP A 362 5.87 -5.48 -13.31
C ASP A 362 4.56 -4.83 -12.88
N ARG A 363 3.91 -4.07 -13.76
CA ARG A 363 2.74 -3.31 -13.35
C ARG A 363 1.60 -4.21 -12.91
N ILE A 364 1.41 -5.35 -13.59
CA ILE A 364 0.32 -6.24 -13.24
C ILE A 364 0.49 -6.75 -11.82
N LEU A 365 1.72 -7.10 -11.46
CA LEU A 365 1.99 -7.50 -10.08
C LEU A 365 1.81 -6.33 -9.12
N ASP A 366 2.28 -5.13 -9.53
CA ASP A 366 2.16 -3.96 -8.68
C ASP A 366 0.70 -3.70 -8.32
N MET A 367 -0.21 -3.99 -9.23
CA MET A 367 -1.63 -3.77 -8.95
C MET A 367 -2.04 -4.52 -7.68
N ALA A 368 -1.78 -5.83 -7.66
CA ALA A 368 -2.13 -6.63 -6.49
C ALA A 368 -1.31 -6.23 -5.28
N ARG A 369 -0.04 -5.89 -5.48
CA ARG A 369 0.80 -5.47 -4.37
C ARG A 369 0.18 -4.28 -3.63
N THR A 370 -0.19 -3.25 -4.39
CA THR A 370 -0.78 -2.07 -3.77
C THR A 370 -2.16 -2.35 -3.19
N THR A 371 -2.95 -3.18 -3.86
CA THR A 371 -4.25 -3.54 -3.30
C THR A 371 -4.09 -4.18 -1.93
N VAL A 372 -3.18 -5.15 -1.82
CA VAL A 372 -2.95 -5.82 -0.55
C VAL A 372 -2.39 -4.84 0.47
N ASN A 373 -1.53 -3.93 0.04
CA ASN A 373 -0.96 -2.95 0.97
C ASN A 373 -2.06 -2.09 1.60
N VAL A 374 -2.94 -1.52 0.76
CA VAL A 374 -3.98 -0.65 1.29
C VAL A 374 -4.95 -1.45 2.17
N THR A 375 -5.29 -2.68 1.73
CA THR A 375 -6.15 -3.51 2.55
C THR A 375 -5.53 -3.77 3.91
N GLY A 376 -4.22 -4.04 3.93
CA GLY A 376 -3.55 -4.27 5.20
C GLY A 376 -3.54 -3.04 6.08
N ASP A 377 -3.37 -1.86 5.49
CA ASP A 377 -3.42 -0.64 6.29
C ASP A 377 -4.78 -0.49 6.95
N LEU A 378 -5.85 -0.68 6.19
CA LEU A 378 -7.19 -0.54 6.75
C LEU A 378 -7.46 -1.60 7.81
N VAL A 379 -6.99 -2.85 7.59
CA VAL A 379 -7.19 -3.89 8.58
C VAL A 379 -6.43 -3.56 9.87
N ALA A 380 -5.21 -3.03 9.74
CA ALA A 380 -4.45 -2.63 10.91
C ALA A 380 -5.20 -1.55 11.69
N THR A 381 -5.76 -0.58 10.97
CA THR A 381 -6.53 0.46 11.63
C THR A 381 -7.71 -0.14 12.38
N ALA A 382 -8.42 -1.07 11.75
CA ALA A 382 -9.55 -1.71 12.42
C ALA A 382 -9.09 -2.43 13.69
N ILE A 383 -7.98 -3.17 13.60
CA ILE A 383 -7.51 -3.94 14.74
C ILE A 383 -7.15 -3.02 15.90
N VAL A 384 -6.34 -1.99 15.62
CA VAL A 384 -5.88 -1.13 16.70
C VAL A 384 -7.05 -0.35 17.30
N ALA A 385 -7.99 0.08 16.46
CA ALA A 385 -9.16 0.78 16.98
C ALA A 385 -9.99 -0.14 17.87
N ARG A 386 -10.19 -1.39 17.46
CA ARG A 386 -11.03 -2.30 18.24
C ARG A 386 -10.35 -2.70 19.54
N THR A 387 -9.02 -2.80 19.53
CA THR A 387 -8.32 -3.32 20.70
C THR A 387 -8.59 -2.47 21.94
N GLU A 388 -8.71 -1.15 21.76
CA GLU A 388 -8.91 -0.24 22.87
C GLU A 388 -10.36 0.19 23.04
N ASN A 389 -11.26 -0.29 22.18
CA ASN A 389 -12.68 0.04 22.31
C ASN A 389 -13.53 -1.20 22.02
#